data_6AX2
#
_entry.id   6AX2
#
_entity_poly.entity_id   1
_entity_poly.type   'polypeptide(L)'
_entity_poly.pdbx_seq_one_letter_code
;GGCIKWNHSCQTTTLKCCGKCVVCYCHTPWGTNCRCDRTRLFCTED
;
_entity_poly.pdbx_strand_id   A
#
# COMPACT_ATOMS: atom_id res chain seq x y z
N GLY A 1 -1.55 -6.43 14.14
CA GLY A 1 -0.65 -7.54 13.76
C GLY A 1 -0.88 -7.97 12.33
N GLY A 2 0.16 -8.45 11.65
CA GLY A 2 0.11 -8.83 10.23
C GLY A 2 0.07 -7.64 9.25
N CYS A 3 0.03 -7.97 7.96
CA CYS A 3 0.11 -7.04 6.83
C CYS A 3 -1.01 -5.97 6.80
N ILE A 4 -0.75 -4.86 6.11
CA ILE A 4 -1.72 -3.74 5.94
C ILE A 4 -2.82 -4.10 4.93
N LYS A 5 -4.09 -3.91 5.31
CA LYS A 5 -5.30 -4.28 4.54
C LYS A 5 -5.59 -3.31 3.36
N TRP A 6 -6.43 -3.74 2.43
CA TRP A 6 -6.77 -2.95 1.23
C TRP A 6 -7.48 -1.63 1.59
N ASN A 7 -7.05 -0.54 0.96
CA ASN A 7 -7.48 0.84 1.21
C ASN A 7 -7.40 1.28 2.70
N HIS A 8 -6.50 0.66 3.47
CA HIS A 8 -6.12 1.06 4.83
C HIS A 8 -4.82 1.90 4.79
N SER A 9 -4.55 2.64 5.87
CA SER A 9 -3.35 3.47 6.00
C SER A 9 -2.05 2.65 6.06
N CYS A 10 -1.07 3.02 5.24
CA CYS A 10 0.28 2.43 5.22
C CYS A 10 1.07 2.72 6.53
N GLN A 11 0.66 3.76 7.27
CA GLN A 11 1.03 4.15 8.65
C GLN A 11 2.55 4.37 8.94
N THR A 12 3.43 4.32 7.94
CA THR A 12 4.90 4.47 8.09
C THR A 12 5.55 3.40 9.00
N THR A 13 4.79 2.34 9.32
CA THR A 13 5.25 1.14 10.04
C THR A 13 6.13 0.26 9.15
N THR A 14 6.99 -0.57 9.74
CA THR A 14 7.83 -1.54 9.01
C THR A 14 7.01 -2.55 8.19
N LEU A 15 5.76 -2.82 8.57
CA LEU A 15 4.86 -3.76 7.89
C LEU A 15 4.45 -3.32 6.47
N LYS A 16 4.55 -4.25 5.51
CA LYS A 16 4.08 -4.11 4.12
C LYS A 16 2.57 -4.42 3.99
N CYS A 17 2.00 -4.06 2.85
CA CYS A 17 0.59 -4.36 2.54
C CYS A 17 0.38 -5.84 2.16
N CYS A 18 -0.84 -6.35 2.37
CA CYS A 18 -1.17 -7.75 2.12
C CYS A 18 -1.14 -8.08 0.64
N GLY A 19 -0.39 -9.12 0.25
CA GLY A 19 -0.20 -9.53 -1.14
C GLY A 19 0.87 -8.71 -1.85
N LYS A 20 1.82 -9.39 -2.51
CA LYS A 20 2.98 -8.76 -3.17
C LYS A 20 2.59 -7.78 -4.28
N CYS A 21 1.42 -7.96 -4.91
CA CYS A 21 0.92 -7.06 -5.95
C CYS A 21 0.38 -5.71 -5.44
N VAL A 22 -0.08 -5.59 -4.18
CA VAL A 22 -0.69 -4.37 -3.65
C VAL A 22 0.36 -3.30 -3.33
N VAL A 23 0.09 -2.02 -3.61
CA VAL A 23 1.03 -0.89 -3.40
C VAL A 23 0.37 0.36 -2.79
N CYS A 24 1.16 1.10 -2.01
CA CYS A 24 0.77 2.34 -1.35
C CYS A 24 0.76 3.55 -2.32
N TYR A 25 -0.15 4.50 -2.09
CA TYR A 25 -0.34 5.71 -2.90
C TYR A 25 -1.01 6.86 -2.10
N CYS A 26 -0.56 8.10 -2.33
CA CYS A 26 -1.21 9.34 -1.87
C CYS A 26 -1.89 10.06 -3.04
N HIS A 27 -3.12 10.53 -2.82
CA HIS A 27 -3.97 11.15 -3.84
C HIS A 27 -3.58 12.60 -4.13
N THR A 28 -3.14 13.33 -3.11
CA THR A 28 -2.63 14.71 -3.24
C THR A 28 -1.20 14.71 -3.80
N PRO A 29 -0.76 15.76 -4.52
CA PRO A 29 0.59 15.85 -5.12
C PRO A 29 1.71 15.80 -4.08
N TRP A 30 1.43 16.24 -2.85
CA TRP A 30 2.29 16.07 -1.67
C TRP A 30 1.45 15.45 -0.54
N GLY A 31 2.02 14.49 0.18
CA GLY A 31 1.29 13.71 1.19
C GLY A 31 2.12 12.61 1.85
N THR A 32 1.71 12.22 3.06
CA THR A 32 2.33 11.19 3.90
C THR A 32 1.31 10.17 4.44
N ASN A 33 0.04 10.57 4.59
CA ASN A 33 -1.07 9.75 5.10
C ASN A 33 -1.62 8.73 4.06
N CYS A 34 -0.72 8.17 3.25
CA CYS A 34 -1.01 7.36 2.07
C CYS A 34 -1.64 6.00 2.42
N ARG A 35 -2.35 5.41 1.45
CA ARG A 35 -3.11 4.15 1.61
C ARG A 35 -2.79 3.14 0.51
N CYS A 36 -2.91 1.85 0.82
CA CYS A 36 -2.76 0.78 -0.17
C CYS A 36 -4.04 0.58 -1.00
N ASP A 37 -4.23 1.46 -1.99
CA ASP A 37 -5.42 1.58 -2.84
C ASP A 37 -5.07 1.43 -4.35
N ARG A 38 -3.94 0.78 -4.66
CA ARG A 38 -3.43 0.51 -6.03
C ARG A 38 -2.70 -0.84 -6.10
N THR A 39 -2.44 -1.31 -7.32
CA THR A 39 -1.70 -2.55 -7.64
C THR A 39 -0.48 -2.22 -8.53
N ARG A 40 0.66 -2.89 -8.35
CA ARG A 40 1.81 -2.77 -9.27
C ARG A 40 1.45 -3.12 -10.73
N LEU A 41 2.09 -2.45 -11.68
CA LEU A 41 1.83 -2.64 -13.11
C LEU A 41 2.19 -4.06 -13.56
N PHE A 42 1.43 -4.61 -14.50
CA PHE A 42 1.51 -5.98 -15.03
C PHE A 42 1.31 -7.11 -14.00
N CYS A 43 0.50 -6.90 -12.96
CA CYS A 43 0.08 -7.99 -12.05
C CYS A 43 -1.01 -8.85 -12.72
N THR A 44 -0.71 -10.11 -13.05
CA THR A 44 -1.59 -11.03 -13.82
C THR A 44 -2.64 -11.76 -12.96
N GLU A 45 -3.13 -11.10 -11.91
CA GLU A 45 -4.01 -11.68 -10.89
C GLU A 45 -5.49 -11.84 -11.31
N ASP A 46 -6.21 -12.66 -10.55
CA ASP A 46 -7.61 -13.05 -10.74
C ASP A 46 -8.50 -12.68 -9.54
N GLY A 1 -0.75 -13.11 11.20
CA GLY A 1 -0.59 -12.39 9.93
C GLY A 1 -0.94 -10.92 10.10
N GLY A 2 0.04 -10.06 10.32
CA GLY A 2 -0.14 -8.63 10.62
C GLY A 2 -0.32 -7.72 9.39
N CYS A 3 -0.48 -8.26 8.18
CA CYS A 3 -0.54 -7.48 6.94
C CYS A 3 -1.60 -6.36 6.95
N ILE A 4 -1.29 -5.25 6.27
CA ILE A 4 -2.12 -4.03 6.22
C ILE A 4 -3.29 -4.19 5.24
N LYS A 5 -4.51 -3.84 5.67
CA LYS A 5 -5.75 -3.98 4.89
C LYS A 5 -5.85 -2.99 3.72
N TRP A 6 -6.75 -3.28 2.78
CA TRP A 6 -6.93 -2.47 1.57
C TRP A 6 -7.37 -1.03 1.88
N ASN A 7 -6.78 -0.07 1.16
CA ASN A 7 -6.99 1.37 1.28
C ASN A 7 -6.69 1.96 2.68
N HIS A 8 -5.94 1.27 3.55
CA HIS A 8 -5.42 1.87 4.80
C HIS A 8 -4.18 2.75 4.53
N SER A 9 -3.99 3.80 5.33
CA SER A 9 -2.78 4.63 5.36
C SER A 9 -1.60 3.83 5.90
N CYS A 10 -0.48 3.80 5.17
CA CYS A 10 0.60 2.84 5.41
C CYS A 10 2.06 3.32 5.23
N GLN A 11 2.33 4.61 5.07
CA GLN A 11 3.68 5.13 4.81
C GLN A 11 4.72 4.65 5.85
N THR A 12 5.93 4.25 5.40
CA THR A 12 7.04 3.68 6.21
C THR A 12 6.73 2.41 7.02
N THR A 13 5.53 1.82 6.89
CA THR A 13 5.06 0.75 7.78
C THR A 13 5.89 -0.54 7.66
N THR A 14 6.18 -1.15 8.81
CA THR A 14 7.10 -2.29 8.98
C THR A 14 6.60 -3.57 8.30
N LEU A 15 5.28 -3.73 8.19
CA LEU A 15 4.57 -4.82 7.50
C LEU A 15 4.08 -4.38 6.11
N LYS A 16 4.03 -5.32 5.16
CA LYS A 16 3.41 -5.10 3.84
C LYS A 16 1.88 -5.14 3.90
N CYS A 17 1.26 -4.56 2.88
CA CYS A 17 -0.19 -4.67 2.66
C CYS A 17 -0.54 -6.08 2.16
N CYS A 18 -1.70 -6.60 2.56
CA CYS A 18 -2.13 -7.97 2.26
C CYS A 18 -2.22 -8.18 0.73
N GLY A 19 -1.46 -9.15 0.21
CA GLY A 19 -1.25 -9.36 -1.23
C GLY A 19 0.25 -9.45 -1.58
N LYS A 20 0.54 -9.56 -2.87
CA LYS A 20 1.92 -9.80 -3.36
C LYS A 20 2.74 -8.50 -3.54
N CYS A 21 2.17 -7.46 -4.14
CA CYS A 21 2.83 -6.19 -4.48
C CYS A 21 1.84 -5.00 -4.52
N VAL A 22 1.08 -4.79 -3.44
CA VAL A 22 0.28 -3.58 -3.24
C VAL A 22 1.21 -2.45 -2.76
N VAL A 23 0.93 -1.18 -3.10
CA VAL A 23 1.77 -0.04 -2.68
C VAL A 23 0.96 1.15 -2.13
N CYS A 24 1.56 1.89 -1.19
CA CYS A 24 0.99 3.06 -0.51
C CYS A 24 0.88 4.28 -1.45
N TYR A 25 -0.03 4.22 -2.42
CA TYR A 25 -0.32 5.23 -3.44
C TYR A 25 -0.96 6.50 -2.87
N CYS A 26 -0.51 7.66 -3.35
CA CYS A 26 -1.03 8.97 -2.95
C CYS A 26 -2.26 9.35 -3.79
N HIS A 27 -3.42 9.47 -3.12
CA HIS A 27 -4.76 9.58 -3.72
C HIS A 27 -5.36 11.00 -3.70
N THR A 28 -4.79 11.94 -2.93
CA THR A 28 -5.13 13.37 -2.98
C THR A 28 -3.95 14.24 -2.51
N PRO A 29 -3.60 15.36 -3.19
CA PRO A 29 -2.49 16.22 -2.76
C PRO A 29 -2.64 16.84 -1.36
N TRP A 30 -3.88 17.02 -0.88
CA TRP A 30 -4.14 17.47 0.50
C TRP A 30 -3.69 16.44 1.55
N GLY A 31 -3.77 15.15 1.21
CA GLY A 31 -3.49 14.03 2.10
C GLY A 31 -2.01 13.77 2.35
N THR A 32 -1.71 13.18 3.50
CA THR A 32 -0.41 12.62 3.89
C THR A 32 -0.62 11.21 4.43
N ASN A 33 0.46 10.44 4.63
CA ASN A 33 0.43 9.01 4.95
C ASN A 33 -0.42 8.22 3.92
N CYS A 34 0.12 8.07 2.70
CA CYS A 34 -0.57 7.54 1.52
C CYS A 34 -1.13 6.11 1.70
N ARG A 35 -2.12 5.72 0.88
CA ARG A 35 -2.97 4.52 1.07
C ARG A 35 -2.70 3.35 0.12
N CYS A 36 -2.78 2.11 0.64
CA CYS A 36 -2.71 0.88 -0.17
C CYS A 36 -3.99 0.63 -1.00
N ASP A 37 -4.28 1.47 -1.99
CA ASP A 37 -5.43 1.37 -2.90
C ASP A 37 -5.06 1.01 -4.36
N ARG A 38 -3.77 0.75 -4.63
CA ARG A 38 -3.22 0.60 -6.00
C ARG A 38 -2.13 -0.46 -6.06
N THR A 39 -2.08 -1.20 -7.17
CA THR A 39 -1.01 -2.16 -7.49
C THR A 39 0.29 -1.45 -7.87
N ARG A 40 1.44 -2.10 -7.69
CA ARG A 40 2.78 -1.58 -8.02
C ARG A 40 2.99 -1.13 -9.46
N LEU A 41 4.01 -0.29 -9.63
CA LEU A 41 4.66 -0.01 -10.92
C LEU A 41 6.01 -0.74 -10.91
N PHE A 42 6.74 -0.68 -9.78
CA PHE A 42 7.95 -1.44 -9.48
C PHE A 42 7.85 -2.17 -8.12
N CYS A 43 8.29 -3.43 -8.03
CA CYS A 43 8.23 -4.24 -6.81
C CYS A 43 9.42 -5.21 -6.71
N THR A 44 9.74 -5.68 -5.49
CA THR A 44 10.87 -6.58 -5.20
C THR A 44 12.25 -5.97 -5.56
N GLU A 45 12.32 -4.64 -5.67
CA GLU A 45 13.56 -3.86 -5.89
C GLU A 45 13.89 -2.96 -4.67
N ASP A 46 15.19 -2.65 -4.52
CA ASP A 46 15.75 -1.81 -3.46
C ASP A 46 15.63 -0.31 -3.76
N GLY A 1 5.41 -11.21 12.63
CA GLY A 1 5.03 -11.74 11.30
C GLY A 1 3.59 -11.41 10.99
N GLY A 2 3.36 -10.49 10.04
CA GLY A 2 2.04 -10.07 9.54
C GLY A 2 2.15 -9.07 8.36
N CYS A 3 1.01 -8.61 7.83
CA CYS A 3 0.92 -7.65 6.73
C CYS A 3 -0.35 -6.78 6.81
N ILE A 4 -0.26 -5.54 6.31
CA ILE A 4 -1.38 -4.59 6.24
C ILE A 4 -2.29 -4.93 5.04
N LYS A 5 -3.61 -5.00 5.26
CA LYS A 5 -4.59 -5.47 4.26
C LYS A 5 -5.05 -4.36 3.28
N TRP A 6 -5.79 -4.76 2.25
CA TRP A 6 -6.31 -3.85 1.22
C TRP A 6 -7.19 -2.73 1.77
N ASN A 7 -7.06 -1.54 1.18
CA ASN A 7 -7.74 -0.29 1.54
C ASN A 7 -7.36 0.31 2.92
N HIS A 8 -6.36 -0.24 3.62
CA HIS A 8 -5.83 0.29 4.89
C HIS A 8 -4.73 1.35 4.70
N SER A 9 -4.51 2.18 5.73
CA SER A 9 -3.49 3.24 5.77
C SER A 9 -2.04 2.72 5.74
N CYS A 10 -1.20 3.35 4.91
CA CYS A 10 0.24 3.07 4.72
C CYS A 10 1.16 4.18 5.28
N GLN A 11 0.61 5.34 5.69
CA GLN A 11 1.39 6.54 6.04
C GLN A 11 2.35 6.37 7.24
N THR A 12 2.09 5.44 8.16
CA THR A 12 2.78 5.33 9.48
C THR A 12 3.20 3.90 9.88
N THR A 13 2.73 2.87 9.17
CA THR A 13 3.00 1.46 9.49
C THR A 13 4.50 1.13 9.53
N THR A 14 4.89 0.25 10.47
CA THR A 14 6.24 -0.33 10.57
C THR A 14 6.44 -1.59 9.71
N LEU A 15 5.37 -2.09 9.07
CA LEU A 15 5.37 -3.34 8.29
C LEU A 15 4.50 -3.21 7.03
N LYS A 16 4.94 -3.88 5.97
CA LYS A 16 4.40 -3.73 4.61
C LYS A 16 2.98 -4.26 4.42
N CYS A 17 2.33 -3.78 3.37
CA CYS A 17 1.07 -4.34 2.88
C CYS A 17 1.24 -5.76 2.32
N CYS A 18 0.13 -6.51 2.30
CA CYS A 18 0.05 -7.89 1.84
C CYS A 18 0.33 -8.06 0.32
N GLY A 19 0.18 -9.28 -0.21
CA GLY A 19 0.44 -9.63 -1.61
C GLY A 19 -0.52 -9.01 -2.63
N LYS A 20 -1.17 -9.83 -3.46
CA LYS A 20 -2.13 -9.44 -4.53
C LYS A 20 -1.67 -8.27 -5.42
N CYS A 21 -0.37 -8.13 -5.64
CA CYS A 21 0.29 -7.05 -6.42
C CYS A 21 0.14 -5.62 -5.82
N VAL A 22 -0.26 -5.49 -4.55
CA VAL A 22 -0.63 -4.21 -3.89
C VAL A 22 0.56 -3.27 -3.65
N VAL A 23 0.33 -1.95 -3.77
CA VAL A 23 1.23 -0.82 -3.43
C VAL A 23 0.47 0.36 -2.79
N CYS A 24 1.20 1.26 -2.14
CA CYS A 24 0.69 2.48 -1.50
C CYS A 24 0.54 3.65 -2.49
N TYR A 25 -0.48 4.47 -2.30
CA TYR A 25 -0.71 5.71 -3.06
C TYR A 25 -1.31 6.82 -2.18
N CYS A 26 -0.96 8.08 -2.47
CA CYS A 26 -1.44 9.28 -1.78
C CYS A 26 -2.30 10.15 -2.71
N HIS A 27 -3.47 10.61 -2.27
CA HIS A 27 -4.38 11.49 -3.03
C HIS A 27 -3.73 12.78 -3.55
N THR A 28 -2.78 13.35 -2.80
CA THR A 28 -1.92 14.48 -3.21
C THR A 28 -0.53 14.34 -2.56
N PRO A 29 0.55 14.90 -3.15
CA PRO A 29 1.90 14.80 -2.59
C PRO A 29 2.13 15.62 -1.31
N TRP A 30 1.21 16.51 -0.92
CA TRP A 30 1.22 17.21 0.38
C TRP A 30 0.24 16.60 1.43
N GLY A 31 -0.86 15.98 1.00
CA GLY A 31 -1.89 15.43 1.89
C GLY A 31 -1.36 14.31 2.79
N THR A 32 -1.71 14.33 4.07
CA THR A 32 -1.17 13.41 5.11
C THR A 32 -1.90 12.05 5.19
N ASN A 33 -2.83 11.78 4.28
CA ASN A 33 -3.48 10.48 4.09
C ASN A 33 -2.88 9.70 2.90
N CYS A 34 -2.49 8.44 3.11
CA CYS A 34 -1.90 7.54 2.10
C CYS A 34 -2.32 6.09 2.38
N ARG A 35 -2.77 5.36 1.34
CA ARG A 35 -3.45 4.07 1.46
C ARG A 35 -2.92 2.98 0.51
N CYS A 36 -2.99 1.71 0.93
CA CYS A 36 -2.80 0.55 0.06
C CYS A 36 -4.08 0.29 -0.77
N ASP A 37 -4.21 1.01 -1.87
CA ASP A 37 -5.38 1.08 -2.77
C ASP A 37 -5.00 1.18 -4.27
N ARG A 38 -3.81 0.65 -4.61
CA ARG A 38 -3.25 0.58 -5.97
C ARG A 38 -2.49 -0.74 -6.15
N THR A 39 -2.16 -1.09 -7.39
CA THR A 39 -1.32 -2.25 -7.74
C THR A 39 -0.22 -1.86 -8.75
N ARG A 40 0.95 -2.50 -8.69
CA ARG A 40 2.12 -2.14 -9.53
C ARG A 40 1.96 -2.54 -11.01
N LEU A 41 2.75 -1.94 -11.90
CA LEU A 41 2.61 -2.08 -13.36
C LEU A 41 2.87 -3.52 -13.88
N PHE A 42 3.74 -4.27 -13.21
CA PHE A 42 4.08 -5.66 -13.55
C PHE A 42 3.81 -6.59 -12.36
N CYS A 43 2.60 -7.16 -12.32
CA CYS A 43 2.22 -8.17 -11.34
C CYS A 43 2.89 -9.53 -11.66
N THR A 44 3.19 -10.29 -10.61
CA THR A 44 3.91 -11.57 -10.69
C THR A 44 3.32 -12.58 -9.71
N GLU A 45 3.17 -13.85 -10.11
CA GLU A 45 2.42 -14.87 -9.38
C GLU A 45 2.92 -16.30 -9.68
N ASP A 46 2.50 -17.29 -8.88
CA ASP A 46 2.75 -18.72 -9.12
C ASP A 46 1.63 -19.42 -9.92
N GLY A 1 2.32 -6.66 13.63
CA GLY A 1 1.44 -7.82 13.48
C GLY A 1 0.88 -7.89 12.08
N GLY A 2 -0.44 -7.90 11.94
CA GLY A 2 -1.14 -8.09 10.67
C GLY A 2 -0.87 -7.02 9.61
N CYS A 3 -0.98 -7.42 8.34
CA CYS A 3 -0.82 -6.55 7.17
C CYS A 3 -1.87 -5.42 7.13
N ILE A 4 -1.56 -4.31 6.46
CA ILE A 4 -2.47 -3.16 6.33
C ILE A 4 -3.66 -3.53 5.43
N LYS A 5 -4.88 -3.24 5.87
CA LYS A 5 -6.12 -3.62 5.15
C LYS A 5 -6.39 -2.71 3.94
N TRP A 6 -7.21 -3.15 2.99
CA TRP A 6 -7.52 -2.39 1.77
C TRP A 6 -8.03 -0.96 2.08
N ASN A 7 -7.44 0.04 1.41
CA ASN A 7 -7.58 1.49 1.64
C ASN A 7 -7.13 2.05 3.02
N HIS A 8 -6.73 1.22 3.99
CA HIS A 8 -6.09 1.69 5.23
C HIS A 8 -4.64 2.13 4.97
N SER A 9 -4.05 2.88 5.92
CA SER A 9 -2.75 3.52 5.77
C SER A 9 -1.58 2.74 6.36
N CYS A 10 -0.47 2.71 5.61
CA CYS A 10 0.84 2.18 6.05
C CYS A 10 1.78 3.27 6.60
N GLN A 11 1.35 4.54 6.70
CA GLN A 11 2.24 5.67 7.00
C GLN A 11 2.96 5.60 8.37
N THR A 12 2.41 4.84 9.33
CA THR A 12 3.01 4.61 10.66
C THR A 12 3.95 3.41 10.75
N THR A 13 4.22 2.68 9.65
CA THR A 13 5.02 1.45 9.71
C THR A 13 5.79 1.11 8.42
N THR A 14 6.89 0.37 8.55
CA THR A 14 7.62 -0.23 7.44
C THR A 14 6.88 -1.40 6.76
N LEU A 15 5.94 -2.07 7.46
CA LEU A 15 5.15 -3.18 6.88
C LEU A 15 4.04 -2.67 5.94
N LYS A 16 3.43 -3.56 5.16
CA LYS A 16 2.56 -3.18 4.03
C LYS A 16 1.26 -3.99 3.89
N CYS A 17 0.58 -3.82 2.76
CA CYS A 17 -0.65 -4.51 2.40
C CYS A 17 -0.40 -6.00 2.11
N CYS A 18 -1.41 -6.86 2.26
CA CYS A 18 -1.32 -8.28 1.86
C CYS A 18 -1.35 -8.41 0.32
N GLY A 19 -0.31 -9.04 -0.26
CA GLY A 19 -0.13 -9.20 -1.71
C GLY A 19 1.28 -8.90 -2.22
N LYS A 20 1.57 -9.32 -3.46
CA LYS A 20 2.92 -9.34 -4.07
C LYS A 20 3.43 -7.99 -4.60
N CYS A 21 2.62 -7.24 -5.34
CA CYS A 21 2.98 -5.94 -5.94
C CYS A 21 1.97 -4.81 -5.66
N VAL A 22 0.97 -5.10 -4.82
CA VAL A 22 -0.02 -4.13 -4.29
C VAL A 22 0.69 -2.94 -3.65
N VAL A 23 0.26 -1.72 -3.98
CA VAL A 23 0.92 -0.48 -3.50
C VAL A 23 0.22 0.14 -2.30
N CYS A 24 0.94 0.92 -1.51
CA CYS A 24 0.39 1.77 -0.45
C CYS A 24 0.68 3.24 -0.82
N TYR A 25 -0.04 3.72 -1.83
CA TYR A 25 0.17 4.96 -2.59
C TYR A 25 -0.13 6.26 -1.83
N CYS A 26 0.80 7.22 -1.90
CA CYS A 26 0.66 8.60 -1.45
C CYS A 26 0.21 9.53 -2.61
N HIS A 27 -0.87 10.29 -2.39
CA HIS A 27 -1.31 11.38 -3.28
C HIS A 27 -0.50 12.67 -3.10
N THR A 28 0.05 12.90 -1.91
CA THR A 28 0.91 14.04 -1.56
C THR A 28 2.03 13.55 -0.63
N PRO A 29 3.13 12.95 -1.16
CA PRO A 29 4.14 12.24 -0.36
C PRO A 29 4.79 13.01 0.79
N TRP A 30 4.81 14.35 0.75
CA TRP A 30 5.31 15.20 1.85
C TRP A 30 4.43 15.11 3.13
N GLY A 31 3.14 14.79 2.95
CA GLY A 31 2.15 14.57 4.03
C GLY A 31 1.83 13.10 4.31
N THR A 32 0.98 12.87 5.31
CA THR A 32 0.55 11.53 5.73
C THR A 32 -0.73 11.10 5.00
N ASN A 33 -0.59 10.33 3.91
CA ASN A 33 -1.69 9.85 3.06
C ASN A 33 -1.41 8.56 2.27
N CYS A 34 -0.27 7.87 2.49
CA CYS A 34 0.01 6.58 1.86
C CYS A 34 -0.98 5.48 2.30
N ARG A 35 -1.77 4.93 1.35
CA ARG A 35 -2.90 4.00 1.60
C ARG A 35 -2.98 2.85 0.58
N CYS A 36 -3.39 1.66 1.03
CA CYS A 36 -3.43 0.45 0.19
C CYS A 36 -4.33 0.60 -1.06
N ASP A 37 -3.78 0.29 -2.23
CA ASP A 37 -4.35 0.60 -3.55
C ASP A 37 -3.87 -0.36 -4.67
N ARG A 38 -4.52 -0.31 -5.84
CA ARG A 38 -4.37 -1.20 -7.01
C ARG A 38 -2.91 -1.50 -7.38
N THR A 39 -2.60 -2.79 -7.58
CA THR A 39 -1.27 -3.31 -7.92
C THR A 39 -0.74 -2.91 -9.31
N ARG A 40 0.59 -2.79 -9.45
CA ARG A 40 1.30 -2.33 -10.65
C ARG A 40 1.09 -3.28 -11.85
N LEU A 41 0.89 -2.69 -13.03
CA LEU A 41 0.75 -3.43 -14.29
C LEU A 41 2.06 -4.06 -14.77
N PHE A 42 3.23 -3.50 -14.39
CA PHE A 42 4.57 -4.03 -14.77
C PHE A 42 5.05 -5.22 -13.91
N CYS A 43 4.14 -5.86 -13.16
CA CYS A 43 4.38 -7.03 -12.33
C CYS A 43 3.44 -8.19 -12.74
N THR A 44 3.88 -9.44 -12.60
CA THR A 44 3.14 -10.64 -13.00
C THR A 44 1.89 -10.91 -12.14
N GLU A 45 0.82 -11.34 -12.80
CA GLU A 45 -0.52 -11.65 -12.29
C GLU A 45 -0.63 -12.95 -11.46
N ASP A 46 0.45 -13.33 -10.78
CA ASP A 46 0.62 -14.65 -10.13
C ASP A 46 1.52 -14.60 -8.87
N GLY A 1 4.27 -11.21 8.71
CA GLY A 1 4.10 -10.33 9.89
C GLY A 1 2.96 -9.35 9.70
N GLY A 2 3.18 -8.10 10.09
CA GLY A 2 2.20 -7.01 9.93
C GLY A 2 2.00 -6.61 8.46
N CYS A 3 0.78 -6.23 8.10
CA CYS A 3 0.47 -5.66 6.78
C CYS A 3 -0.79 -4.76 6.83
N ILE A 4 -0.85 -3.78 5.94
CA ILE A 4 -1.97 -2.83 5.82
C ILE A 4 -3.09 -3.40 4.91
N LYS A 5 -4.35 -3.34 5.38
CA LYS A 5 -5.54 -3.87 4.67
C LYS A 5 -5.89 -3.09 3.40
N TRP A 6 -6.70 -3.71 2.53
CA TRP A 6 -7.19 -3.06 1.32
C TRP A 6 -7.91 -1.73 1.61
N ASN A 7 -7.57 -0.70 0.81
CA ASN A 7 -8.04 0.68 0.90
C ASN A 7 -7.86 1.37 2.28
N HIS A 8 -7.03 0.81 3.17
CA HIS A 8 -6.62 1.45 4.42
C HIS A 8 -5.38 2.34 4.22
N SER A 9 -5.28 3.42 4.99
CA SER A 9 -4.16 4.36 4.96
C SER A 9 -2.92 3.87 5.73
N CYS A 10 -1.75 3.83 5.07
CA CYS A 10 -0.46 3.41 5.63
C CYS A 10 0.19 4.42 6.60
N GLN A 11 -0.58 5.39 7.12
CA GLN A 11 -0.12 6.38 8.09
C GLN A 11 0.44 5.73 9.38
N THR A 12 1.50 6.32 9.93
CA THR A 12 2.22 5.97 11.18
C THR A 12 2.98 4.64 11.22
N THR A 13 3.19 3.95 10.10
CA THR A 13 4.03 2.73 10.06
C THR A 13 4.89 2.61 8.79
N THR A 14 5.95 1.80 8.85
CA THR A 14 6.76 1.37 7.69
C THR A 14 6.26 0.07 7.04
N LEU A 15 5.06 -0.39 7.39
CA LEU A 15 4.48 -1.63 6.86
C LEU A 15 4.07 -1.49 5.39
N LYS A 16 4.07 -2.64 4.70
CA LYS A 16 3.51 -2.82 3.36
C LYS A 16 2.05 -3.26 3.40
N CYS A 17 1.36 -3.12 2.27
CA CYS A 17 0.02 -3.67 2.06
C CYS A 17 0.02 -5.21 2.09
N CYS A 18 -1.13 -5.82 2.41
CA CYS A 18 -1.31 -7.29 2.48
C CYS A 18 -1.31 -8.02 1.11
N GLY A 19 -0.41 -7.66 0.18
CA GLY A 19 -0.21 -8.32 -1.11
C GLY A 19 1.19 -8.08 -1.68
N LYS A 20 1.69 -9.02 -2.47
CA LYS A 20 3.11 -9.07 -2.94
C LYS A 20 3.62 -7.80 -3.61
N CYS A 21 2.75 -7.07 -4.32
CA CYS A 21 3.09 -5.89 -5.12
C CYS A 21 2.16 -4.69 -4.87
N VAL A 22 1.17 -4.80 -3.98
CA VAL A 22 0.25 -3.71 -3.62
C VAL A 22 0.99 -2.60 -2.85
N VAL A 23 0.67 -1.33 -3.09
CA VAL A 23 1.38 -0.16 -2.55
C VAL A 23 0.46 0.94 -2.00
N CYS A 24 1.01 1.69 -1.04
CA CYS A 24 0.41 2.84 -0.37
C CYS A 24 0.35 4.07 -1.31
N TYR A 25 -0.69 4.17 -2.14
CA TYR A 25 -0.90 5.27 -3.08
C TYR A 25 -1.34 6.57 -2.37
N CYS A 26 -0.50 7.59 -2.44
CA CYS A 26 -0.70 8.89 -1.77
C CYS A 26 -1.69 9.75 -2.54
N HIS A 27 -2.99 9.50 -2.34
CA HIS A 27 -4.09 10.10 -3.10
C HIS A 27 -4.26 11.61 -2.83
N THR A 28 -3.97 12.08 -1.62
CA THR A 28 -4.08 13.51 -1.23
C THR A 28 -2.82 14.03 -0.51
N PRO A 29 -2.50 15.33 -0.64
CA PRO A 29 -1.26 15.92 -0.10
C PRO A 29 -1.29 16.13 1.42
N TRP A 30 -2.45 15.92 2.05
CA TRP A 30 -2.66 16.03 3.50
C TRP A 30 -2.02 14.86 4.25
N GLY A 31 -1.11 15.16 5.18
CA GLY A 31 -0.38 14.17 5.98
C GLY A 31 0.24 13.04 5.16
N THR A 32 0.05 11.81 5.63
CA THR A 32 0.44 10.56 4.94
C THR A 32 -0.84 9.81 4.49
N ASN A 33 -1.68 10.46 3.69
CA ASN A 33 -2.88 9.87 3.10
C ASN A 33 -2.54 8.89 1.95
N CYS A 34 -1.83 7.82 2.28
CA CYS A 34 -1.26 6.85 1.35
C CYS A 34 -1.95 5.49 1.51
N ARG A 35 -2.96 5.20 0.67
CA ARG A 35 -3.88 4.05 0.81
C ARG A 35 -3.48 2.85 -0.05
N CYS A 36 -3.69 1.64 0.45
CA CYS A 36 -3.52 0.41 -0.34
C CYS A 36 -4.61 0.30 -1.44
N ASP A 37 -4.32 0.82 -2.63
CA ASP A 37 -5.30 0.95 -3.73
C ASP A 37 -4.72 0.69 -5.15
N ARG A 38 -3.39 0.60 -5.28
CA ARG A 38 -2.67 0.41 -6.55
C ARG A 38 -1.56 -0.64 -6.42
N THR A 39 -1.06 -1.15 -7.54
CA THR A 39 -0.16 -2.32 -7.59
C THR A 39 1.03 -2.08 -8.52
N ARG A 40 2.24 -2.41 -8.06
CA ARG A 40 3.50 -2.28 -8.83
C ARG A 40 3.50 -3.16 -10.07
N LEU A 41 3.96 -2.61 -11.20
CA LEU A 41 4.24 -3.39 -12.42
C LEU A 41 5.67 -3.93 -12.49
N PHE A 42 6.53 -3.56 -11.53
CA PHE A 42 7.86 -4.15 -11.30
C PHE A 42 8.06 -4.42 -9.79
N CYS A 43 8.16 -5.69 -9.40
CA CYS A 43 8.18 -6.12 -7.99
C CYS A 43 8.70 -7.56 -7.78
N THR A 44 9.45 -7.75 -6.68
CA THR A 44 9.90 -9.07 -6.22
C THR A 44 8.70 -9.91 -5.78
N GLU A 45 8.56 -11.11 -6.35
CA GLU A 45 7.40 -12.00 -6.18
C GLU A 45 7.74 -13.37 -5.56
N ASP A 46 9.01 -13.77 -5.55
CA ASP A 46 9.51 -15.11 -5.14
C ASP A 46 8.74 -16.26 -5.82
N GLY A 1 1.13 -9.20 15.36
CA GLY A 1 0.75 -8.33 14.23
C GLY A 1 1.35 -8.82 12.93
N GLY A 2 0.74 -8.46 11.80
CA GLY A 2 1.21 -8.77 10.44
C GLY A 2 0.93 -7.64 9.44
N CYS A 3 1.00 -7.95 8.14
CA CYS A 3 0.79 -7.00 7.04
C CYS A 3 -0.55 -6.24 7.11
N ILE A 4 -0.56 -5.03 6.53
CA ILE A 4 -1.68 -4.07 6.60
C ILE A 4 -2.93 -4.64 5.89
N LYS A 5 -4.12 -4.42 6.46
CA LYS A 5 -5.40 -5.00 5.98
C LYS A 5 -5.92 -4.32 4.70
N TRP A 6 -6.84 -5.01 4.00
CA TRP A 6 -7.34 -4.64 2.68
C TRP A 6 -7.80 -3.17 2.59
N ASN A 7 -7.29 -2.44 1.59
CA ASN A 7 -7.63 -1.04 1.29
C ASN A 7 -7.45 -0.02 2.45
N HIS A 8 -6.72 -0.35 3.53
CA HIS A 8 -6.45 0.56 4.65
C HIS A 8 -5.30 1.57 4.38
N SER A 9 -5.17 2.55 5.28
CA SER A 9 -4.05 3.51 5.29
C SER A 9 -2.70 2.85 5.63
N CYS A 10 -1.63 3.34 5.01
CA CYS A 10 -0.26 2.82 5.14
C CYS A 10 0.76 3.96 5.00
N GLN A 11 1.18 4.55 6.13
CA GLN A 11 2.15 5.68 6.15
C GLN A 11 3.00 5.69 7.42
N THR A 12 4.26 6.14 7.32
CA THR A 12 5.33 6.15 8.35
C THR A 12 5.81 4.75 8.77
N THR A 13 4.91 3.82 9.02
CA THR A 13 5.20 2.42 9.39
C THR A 13 6.14 1.71 8.42
N THR A 14 6.91 0.76 8.94
CA THR A 14 7.75 -0.15 8.15
C THR A 14 6.92 -1.21 7.39
N LEU A 15 5.68 -1.49 7.81
CA LEU A 15 4.80 -2.50 7.20
C LEU A 15 4.23 -2.06 5.83
N LYS A 16 3.70 -3.03 5.08
CA LYS A 16 2.97 -2.83 3.82
C LYS A 16 1.72 -3.73 3.71
N CYS A 17 0.91 -3.57 2.67
CA CYS A 17 -0.26 -4.44 2.43
C CYS A 17 0.15 -5.82 1.90
N CYS A 18 -0.66 -6.84 2.21
CA CYS A 18 -0.34 -8.25 1.97
C CYS A 18 -0.26 -8.60 0.47
N GLY A 19 0.56 -9.58 0.10
CA GLY A 19 0.85 -9.96 -1.29
C GLY A 19 1.97 -9.12 -1.92
N LYS A 20 1.98 -9.05 -3.26
CA LYS A 20 2.94 -8.29 -4.08
C LYS A 20 2.27 -7.17 -4.91
N CYS A 21 1.07 -7.41 -5.42
CA CYS A 21 0.39 -6.55 -6.40
C CYS A 21 -0.01 -5.16 -5.86
N VAL A 22 -0.46 -5.07 -4.60
CA VAL A 22 -0.98 -3.82 -3.99
C VAL A 22 0.17 -2.93 -3.50
N VAL A 23 0.03 -1.62 -3.66
CA VAL A 23 1.00 -0.63 -3.15
C VAL A 23 0.35 0.40 -2.21
N CYS A 24 1.08 0.77 -1.16
CA CYS A 24 0.75 1.82 -0.19
C CYS A 24 0.81 3.23 -0.83
N TYR A 25 -0.07 3.50 -1.79
CA TYR A 25 -0.04 4.66 -2.66
C TYR A 25 -0.25 6.01 -1.94
N CYS A 26 0.72 6.92 -2.09
CA CYS A 26 0.59 8.31 -1.68
C CYS A 26 -0.02 9.16 -2.81
N HIS A 27 -1.36 9.19 -2.82
CA HIS A 27 -2.21 9.84 -3.83
C HIS A 27 -2.00 11.35 -3.96
N THR A 28 -1.56 12.05 -2.90
CA THR A 28 -1.52 13.52 -2.87
C THR A 28 -0.15 14.03 -2.37
N PRO A 29 0.46 15.04 -3.01
CA PRO A 29 1.74 15.59 -2.57
C PRO A 29 1.73 16.05 -1.11
N TRP A 30 2.75 15.69 -0.34
CA TRP A 30 2.87 15.99 1.10
C TRP A 30 1.72 15.42 1.99
N GLY A 31 0.86 14.55 1.44
CA GLY A 31 -0.30 13.99 2.16
C GLY A 31 0.07 12.80 3.06
N THR A 32 -0.27 12.89 4.35
CA THR A 32 -0.06 11.82 5.35
C THR A 32 -1.06 10.66 5.22
N ASN A 33 -2.23 10.88 4.59
CA ASN A 33 -3.30 9.88 4.41
C ASN A 33 -3.02 8.79 3.34
N CYS A 34 -1.77 8.41 3.06
CA CYS A 34 -1.43 7.40 2.04
C CYS A 34 -2.19 6.08 2.28
N ARG A 35 -2.62 5.38 1.22
CA ARG A 35 -3.57 4.26 1.31
C ARG A 35 -3.29 3.15 0.29
N CYS A 36 -3.57 1.90 0.64
CA CYS A 36 -3.44 0.74 -0.24
C CYS A 36 -4.52 0.70 -1.34
N ASP A 37 -4.60 1.73 -2.19
CA ASP A 37 -5.69 1.97 -3.14
C ASP A 37 -5.26 1.94 -4.62
N ARG A 38 -4.14 1.27 -4.94
CA ARG A 38 -3.63 1.06 -6.31
C ARG A 38 -2.88 -0.28 -6.44
N THR A 39 -3.02 -0.93 -7.60
CA THR A 39 -2.30 -2.15 -8.00
C THR A 39 -1.22 -1.83 -9.03
N ARG A 40 0.01 -2.29 -8.79
CA ARG A 40 1.21 -1.98 -9.60
C ARG A 40 1.20 -2.64 -10.98
N LEU A 41 1.98 -2.05 -11.91
CA LEU A 41 2.13 -2.52 -13.29
C LEU A 41 2.60 -3.99 -13.38
N PHE A 42 3.62 -4.37 -12.61
CA PHE A 42 4.21 -5.73 -12.65
C PHE A 42 3.47 -6.79 -11.81
N CYS A 43 2.17 -6.58 -11.49
CA CYS A 43 1.39 -7.51 -10.66
C CYS A 43 1.39 -8.97 -11.20
N THR A 44 1.43 -9.17 -12.52
CA THR A 44 1.44 -10.51 -13.13
C THR A 44 2.80 -11.24 -13.06
N GLU A 45 3.85 -10.64 -12.49
CA GLU A 45 5.12 -11.36 -12.25
C GLU A 45 4.98 -12.38 -11.12
N ASP A 46 5.57 -13.57 -11.31
CA ASP A 46 5.67 -14.65 -10.32
C ASP A 46 6.97 -15.43 -10.44
N GLY A 1 -1.80 -5.82 14.18
CA GLY A 1 -0.64 -6.50 13.58
C GLY A 1 -0.94 -7.01 12.18
N GLY A 2 -0.20 -8.01 11.72
CA GLY A 2 -0.40 -8.65 10.41
C GLY A 2 0.11 -7.82 9.23
N CYS A 3 -0.80 -7.33 8.39
CA CYS A 3 -0.53 -6.50 7.21
C CYS A 3 -1.40 -5.23 7.19
N ILE A 4 -1.10 -4.28 6.28
CA ILE A 4 -1.97 -3.15 6.00
C ILE A 4 -3.18 -3.62 5.17
N LYS A 5 -4.42 -3.34 5.62
CA LYS A 5 -5.64 -3.66 4.86
C LYS A 5 -5.83 -2.67 3.69
N TRP A 6 -6.47 -3.11 2.60
CA TRP A 6 -6.76 -2.27 1.43
C TRP A 6 -7.56 -1.00 1.82
N ASN A 7 -7.23 0.15 1.22
CA ASN A 7 -7.78 1.48 1.55
C ASN A 7 -7.45 2.01 2.99
N HIS A 8 -6.64 1.29 3.78
CA HIS A 8 -6.08 1.82 5.04
C HIS A 8 -4.68 2.40 4.84
N SER A 9 -4.27 3.27 5.75
CA SER A 9 -2.99 3.97 5.71
C SER A 9 -1.78 3.03 5.81
N CYS A 10 -0.74 3.34 5.04
CA CYS A 10 0.57 2.67 5.00
C CYS A 10 1.73 3.66 5.26
N GLN A 11 1.44 4.87 5.74
CA GLN A 11 2.40 5.90 6.10
C GLN A 11 3.08 5.62 7.47
N THR A 12 4.34 6.00 7.63
CA THR A 12 5.12 5.86 8.88
C THR A 12 5.11 4.43 9.45
N THR A 13 5.27 3.41 8.60
CA THR A 13 5.36 1.99 9.02
C THR A 13 6.17 1.14 8.05
N THR A 14 6.88 0.12 8.56
CA THR A 14 7.76 -0.77 7.78
C THR A 14 7.04 -2.03 7.27
N LEU A 15 5.85 -2.37 7.79
CA LEU A 15 5.03 -3.49 7.29
C LEU A 15 4.22 -3.07 6.03
N LYS A 16 3.84 -4.06 5.21
CA LYS A 16 3.31 -3.87 3.84
C LYS A 16 1.84 -4.29 3.68
N CYS A 17 1.26 -4.04 2.51
CA CYS A 17 -0.05 -4.60 2.11
C CYS A 17 -0.01 -6.16 2.11
N CYS A 18 -1.16 -6.82 2.26
CA CYS A 18 -1.28 -8.28 2.05
C CYS A 18 -1.30 -8.62 0.55
N GLY A 19 -0.75 -9.78 0.17
CA GLY A 19 -0.74 -10.28 -1.21
C GLY A 19 0.46 -9.80 -2.06
N LYS A 20 0.83 -10.62 -3.05
CA LYS A 20 2.05 -10.50 -3.87
C LYS A 20 2.15 -9.23 -4.73
N CYS A 21 1.05 -8.79 -5.34
CA CYS A 21 1.01 -7.69 -6.31
C CYS A 21 0.54 -6.34 -5.72
N VAL A 22 0.04 -6.34 -4.49
CA VAL A 22 -0.60 -5.19 -3.82
C VAL A 22 0.46 -4.25 -3.23
N VAL A 23 0.25 -2.93 -3.34
CA VAL A 23 1.28 -1.92 -3.02
C VAL A 23 0.69 -0.63 -2.40
N CYS A 24 1.54 0.12 -1.70
CA CYS A 24 1.25 1.41 -1.05
C CYS A 24 1.49 2.60 -2.01
N TYR A 25 0.55 3.54 -2.12
CA TYR A 25 0.66 4.74 -2.97
C TYR A 25 0.48 6.03 -2.16
N CYS A 26 1.21 7.09 -2.52
CA CYS A 26 1.30 8.32 -1.72
C CYS A 26 0.82 9.60 -2.45
N HIS A 27 -0.07 10.36 -1.81
CA HIS A 27 -0.51 11.73 -2.15
C HIS A 27 -1.33 12.32 -0.99
N THR A 28 -1.57 13.64 -0.98
CA THR A 28 -2.40 14.37 0.01
C THR A 28 -1.98 14.12 1.49
N PRO A 29 -0.94 14.80 2.01
CA PRO A 29 -0.34 14.54 3.33
C PRO A 29 -1.26 14.59 4.57
N TRP A 30 -2.41 15.28 4.50
CA TRP A 30 -3.31 15.49 5.63
C TRP A 30 -3.76 14.18 6.31
N GLY A 31 -3.43 13.98 7.58
CA GLY A 31 -3.73 12.77 8.37
C GLY A 31 -2.95 11.50 7.96
N THR A 32 -2.60 11.36 6.68
CA THR A 32 -1.68 10.34 6.16
C THR A 32 -1.25 10.68 4.74
N ASN A 33 0.05 10.55 4.47
CA ASN A 33 0.63 10.72 3.14
C ASN A 33 0.34 9.55 2.17
N CYS A 34 -0.06 8.36 2.64
CA CYS A 34 -0.12 7.15 1.82
C CYS A 34 -1.18 6.13 2.27
N ARG A 35 -1.91 5.54 1.30
CA ARG A 35 -2.86 4.43 1.49
C ARG A 35 -2.46 3.18 0.67
N CYS A 36 -2.86 2.00 1.13
CA CYS A 36 -2.74 0.76 0.34
C CYS A 36 -3.72 0.85 -0.85
N ASP A 37 -3.20 1.18 -2.04
CA ASP A 37 -3.95 1.56 -3.25
C ASP A 37 -3.08 1.46 -4.52
N ARG A 38 -3.71 1.42 -5.71
CA ARG A 38 -3.08 1.43 -7.04
C ARG A 38 -2.15 0.22 -7.28
N THR A 39 -2.77 -0.96 -7.26
CA THR A 39 -2.11 -2.27 -7.44
C THR A 39 -1.45 -2.41 -8.83
N ARG A 40 -0.53 -3.37 -8.98
CA ARG A 40 0.09 -3.74 -10.27
C ARG A 40 -0.89 -4.51 -11.15
N LEU A 41 -1.39 -3.89 -12.22
CA LEU A 41 -2.48 -4.41 -13.09
C LEU A 41 -2.12 -5.64 -13.93
N PHE A 42 -0.84 -5.89 -14.20
CA PHE A 42 -0.36 -6.98 -15.07
C PHE A 42 0.47 -8.06 -14.34
N CYS A 43 0.54 -8.00 -13.01
CA CYS A 43 1.36 -8.88 -12.17
C CYS A 43 0.88 -10.35 -12.12
N THR A 44 -0.38 -10.64 -12.44
CA THR A 44 -0.92 -12.01 -12.61
C THR A 44 -0.35 -12.70 -13.86
N GLU A 45 0.40 -13.78 -13.66
CA GLU A 45 1.15 -14.46 -14.72
C GLU A 45 0.27 -15.36 -15.62
N ASP A 46 -0.62 -16.17 -15.01
CA ASP A 46 -1.50 -17.14 -15.69
C ASP A 46 -2.74 -17.50 -14.88
N GLY A 1 -4.16 -10.93 11.31
CA GLY A 1 -2.98 -11.34 10.52
C GLY A 1 -2.15 -10.13 10.12
N GLY A 2 -0.82 -10.27 10.16
CA GLY A 2 0.15 -9.18 9.92
C GLY A 2 0.33 -8.80 8.45
N CYS A 3 -0.54 -7.92 7.95
CA CYS A 3 -0.44 -7.27 6.64
C CYS A 3 -1.30 -5.99 6.63
N ILE A 4 -0.91 -4.97 5.84
CA ILE A 4 -1.70 -3.73 5.71
C ILE A 4 -2.90 -3.94 4.79
N LYS A 5 -4.11 -3.60 5.25
CA LYS A 5 -5.35 -3.88 4.52
C LYS A 5 -5.73 -2.79 3.49
N TRP A 6 -6.55 -3.16 2.52
CA TRP A 6 -7.01 -2.32 1.42
C TRP A 6 -7.74 -1.05 1.91
N ASN A 7 -7.40 0.11 1.34
CA ASN A 7 -7.77 1.48 1.73
C ASN A 7 -7.39 1.86 3.19
N HIS A 8 -6.55 1.08 3.88
CA HIS A 8 -5.99 1.44 5.19
C HIS A 8 -4.79 2.38 5.06
N SER A 9 -4.59 3.24 6.07
CA SER A 9 -3.50 4.21 6.11
C SER A 9 -2.10 3.55 6.11
N CYS A 10 -1.16 4.15 5.36
CA CYS A 10 0.16 3.59 5.10
C CYS A 10 1.20 4.68 4.72
N GLN A 11 1.39 5.66 5.62
CA GLN A 11 2.38 6.73 5.48
C GLN A 11 3.73 6.36 6.13
N THR A 12 3.75 5.53 7.18
CA THR A 12 4.96 5.11 7.91
C THR A 12 4.70 3.83 8.72
N THR A 13 5.30 2.72 8.28
CA THR A 13 5.31 1.40 8.93
C THR A 13 6.52 0.55 8.46
N THR A 14 6.53 -0.77 8.72
CA THR A 14 7.61 -1.73 8.37
C THR A 14 7.10 -3.03 7.72
N LEU A 15 5.88 -3.03 7.18
CA LEU A 15 5.25 -4.20 6.56
C LEU A 15 4.46 -3.84 5.28
N LYS A 16 4.25 -4.84 4.43
CA LYS A 16 3.61 -4.73 3.11
C LYS A 16 2.07 -4.91 3.17
N CYS A 17 1.42 -4.65 2.04
CA CYS A 17 0.00 -4.99 1.83
C CYS A 17 -0.23 -6.52 1.81
N CYS A 18 -1.48 -6.95 1.90
CA CYS A 18 -1.90 -8.37 1.98
C CYS A 18 -1.83 -9.13 0.63
N GLY A 19 -0.77 -8.94 -0.16
CA GLY A 19 -0.49 -9.62 -1.43
C GLY A 19 0.85 -9.19 -2.03
N LYS A 20 1.23 -9.75 -3.20
CA LYS A 20 2.48 -9.42 -3.93
C LYS A 20 2.36 -8.17 -4.82
N CYS A 21 1.23 -8.03 -5.51
CA CYS A 21 0.99 -7.03 -6.57
C CYS A 21 0.36 -5.74 -6.02
N VAL A 22 -0.30 -5.82 -4.86
CA VAL A 22 -0.89 -4.70 -4.10
C VAL A 22 0.15 -3.97 -3.23
N VAL A 23 0.07 -2.64 -3.16
CA VAL A 23 1.11 -1.78 -2.57
C VAL A 23 0.57 -0.51 -1.89
N CYS A 24 1.36 0.05 -0.98
CA CYS A 24 1.15 1.37 -0.42
C CYS A 24 1.68 2.46 -1.37
N TYR A 25 0.87 3.49 -1.64
CA TYR A 25 1.20 4.61 -2.53
C TYR A 25 0.49 5.89 -2.06
N CYS A 26 1.20 7.02 -2.07
CA CYS A 26 0.64 8.32 -1.72
C CYS A 26 0.02 8.96 -2.99
N HIS A 27 -1.32 8.87 -3.11
CA HIS A 27 -2.09 9.19 -4.34
C HIS A 27 -2.98 10.44 -4.26
N THR A 28 -2.98 11.17 -3.15
CA THR A 28 -3.83 12.35 -2.91
C THR A 28 -3.07 13.42 -2.12
N PRO A 29 -2.30 14.31 -2.80
CA PRO A 29 -1.51 15.38 -2.19
C PRO A 29 -2.27 16.41 -1.33
N TRP A 30 -3.60 16.38 -1.33
CA TRP A 30 -4.51 17.25 -0.57
C TRP A 30 -4.51 17.01 0.97
N GLY A 31 -3.40 16.51 1.50
CA GLY A 31 -3.17 16.23 2.92
C GLY A 31 -2.14 15.13 3.17
N THR A 32 -2.12 14.64 4.41
CA THR A 32 -1.23 13.58 4.93
C THR A 32 -1.55 12.19 4.33
N ASN A 33 -2.66 12.07 3.61
CA ASN A 33 -3.21 10.86 2.99
C ASN A 33 -2.18 10.06 2.18
N CYS A 34 -1.92 8.83 2.61
CA CYS A 34 -1.13 7.82 1.90
C CYS A 34 -1.63 6.44 2.34
N ARG A 35 -1.93 5.52 1.40
CA ARG A 35 -2.68 4.28 1.72
C ARG A 35 -2.29 3.04 0.93
N CYS A 36 -2.65 1.88 1.45
CA CYS A 36 -2.61 0.59 0.73
C CYS A 36 -3.82 0.56 -0.23
N ASP A 37 -3.72 1.28 -1.35
CA ASP A 37 -4.84 1.56 -2.26
C ASP A 37 -4.37 1.65 -3.73
N ARG A 38 -3.36 0.85 -4.08
CA ARG A 38 -2.68 0.79 -5.39
C ARG A 38 -2.29 -0.67 -5.71
N THR A 39 -2.30 -1.07 -6.98
CA THR A 39 -1.90 -2.42 -7.41
C THR A 39 -1.33 -2.45 -8.84
N ARG A 40 -0.39 -3.36 -9.11
CA ARG A 40 0.21 -3.62 -10.44
C ARG A 40 -0.76 -4.42 -11.32
N LEU A 41 -1.01 -3.98 -12.55
CA LEU A 41 -1.98 -4.61 -13.46
C LEU A 41 -1.42 -5.88 -14.15
N PHE A 42 -2.28 -6.89 -14.32
CA PHE A 42 -2.00 -8.17 -15.00
C PHE A 42 -0.70 -8.87 -14.52
N CYS A 43 -0.54 -9.08 -13.21
CA CYS A 43 0.59 -9.83 -12.67
C CYS A 43 0.41 -11.36 -12.90
N THR A 44 1.23 -11.93 -13.78
CA THR A 44 1.17 -13.35 -14.21
C THR A 44 2.47 -14.12 -14.01
N GLU A 45 3.55 -13.43 -13.62
CA GLU A 45 4.90 -13.98 -13.47
C GLU A 45 5.05 -14.96 -12.29
N ASP A 46 6.22 -15.60 -12.23
CA ASP A 46 6.60 -16.73 -11.37
C ASP A 46 6.27 -16.55 -9.89
N GLY A 1 2.52 -9.56 13.21
CA GLY A 1 2.20 -8.16 12.90
C GLY A 1 1.09 -8.11 11.88
N GLY A 2 -0.08 -7.57 12.22
CA GLY A 2 -1.23 -7.47 11.31
C GLY A 2 -0.97 -6.58 10.10
N CYS A 3 -1.03 -7.15 8.88
CA CYS A 3 -0.74 -6.46 7.62
C CYS A 3 -1.73 -5.30 7.32
N ILE A 4 -1.30 -4.31 6.53
CA ILE A 4 -2.18 -3.22 6.10
C ILE A 4 -3.14 -3.68 4.98
N LYS A 5 -4.43 -3.39 5.11
CA LYS A 5 -5.48 -3.81 4.16
C LYS A 5 -5.68 -2.78 3.04
N TRP A 6 -6.31 -3.19 1.93
CA TRP A 6 -6.45 -2.39 0.72
C TRP A 6 -7.10 -1.02 0.97
N ASN A 7 -6.49 0.03 0.43
CA ASN A 7 -6.80 1.46 0.61
C ASN A 7 -6.68 1.99 2.06
N HIS A 8 -6.24 1.20 3.05
CA HIS A 8 -5.87 1.72 4.38
C HIS A 8 -4.50 2.42 4.34
N SER A 9 -4.20 3.24 5.36
CA SER A 9 -2.98 4.05 5.47
C SER A 9 -1.72 3.21 5.73
N CYS A 10 -0.61 3.56 5.09
CA CYS A 10 0.70 2.90 5.18
C CYS A 10 1.86 3.90 5.42
N GLN A 11 1.55 5.13 5.84
CA GLN A 11 2.53 6.22 6.02
C GLN A 11 3.57 5.96 7.12
N THR A 12 3.26 5.14 8.12
CA THR A 12 4.14 4.82 9.26
C THR A 12 3.86 3.39 9.77
N THR A 13 4.61 2.42 9.27
CA THR A 13 4.57 1.01 9.71
C THR A 13 5.80 0.21 9.25
N THR A 14 6.29 -0.74 10.05
CA THR A 14 7.42 -1.60 9.69
C THR A 14 7.09 -2.72 8.70
N LEU A 15 5.80 -3.02 8.42
CA LEU A 15 5.35 -4.15 7.58
C LEU A 15 4.66 -3.74 6.26
N LYS A 16 4.29 -4.72 5.42
CA LYS A 16 3.74 -4.51 4.06
C LYS A 16 2.20 -4.44 3.98
N CYS A 17 1.72 -3.94 2.84
CA CYS A 17 0.31 -4.06 2.43
C CYS A 17 0.00 -5.54 2.10
N CYS A 18 -1.06 -6.13 2.64
CA CYS A 18 -1.52 -7.47 2.25
C CYS A 18 -1.97 -7.51 0.78
N GLY A 19 -1.53 -8.55 0.06
CA GLY A 19 -1.77 -8.76 -1.37
C GLY A 19 -0.46 -8.93 -2.13
N LYS A 20 -0.39 -9.90 -3.04
CA LYS A 20 0.84 -10.31 -3.77
C LYS A 20 1.44 -9.19 -4.62
N CYS A 21 0.61 -8.27 -5.12
CA CYS A 21 0.99 -7.16 -5.98
C CYS A 21 0.45 -5.79 -5.50
N VAL A 22 -0.19 -5.69 -4.33
CA VAL A 22 -0.58 -4.41 -3.72
C VAL A 22 0.65 -3.65 -3.22
N VAL A 23 0.70 -2.34 -3.45
CA VAL A 23 1.83 -1.46 -3.10
C VAL A 23 1.38 -0.21 -2.34
N CYS A 24 2.25 0.30 -1.46
CA CYS A 24 2.01 1.53 -0.70
C CYS A 24 2.22 2.77 -1.61
N TYR A 25 1.17 3.58 -1.76
CA TYR A 25 1.09 4.70 -2.70
C TYR A 25 1.07 6.05 -1.96
N CYS A 26 2.24 6.70 -1.89
CA CYS A 26 2.44 8.00 -1.28
C CYS A 26 2.22 9.14 -2.27
N HIS A 27 1.42 10.15 -1.90
CA HIS A 27 1.30 11.41 -2.64
C HIS A 27 0.77 12.61 -1.84
N THR A 28 0.29 12.42 -0.61
CA THR A 28 -0.13 13.49 0.33
C THR A 28 -1.10 14.52 -0.30
N PRO A 29 -2.39 14.18 -0.51
CA PRO A 29 -3.34 15.09 -1.14
C PRO A 29 -3.78 16.26 -0.23
N TRP A 30 -4.02 15.99 1.07
CA TRP A 30 -4.53 16.97 2.04
C TRP A 30 -3.96 16.81 3.46
N GLY A 31 -3.50 15.62 3.85
CA GLY A 31 -2.87 15.39 5.15
C GLY A 31 -2.21 14.02 5.28
N THR A 32 -2.96 12.94 5.03
CA THR A 32 -2.46 11.55 5.13
C THR A 32 -1.53 11.24 3.95
N ASN A 33 -0.27 10.89 4.24
CA ASN A 33 0.79 10.81 3.24
C ASN A 33 0.67 9.64 2.24
N CYS A 34 0.35 8.43 2.72
CA CYS A 34 0.42 7.19 1.92
C CYS A 34 -0.69 6.17 2.26
N ARG A 35 -1.22 5.47 1.25
CA ARG A 35 -2.29 4.43 1.38
C ARG A 35 -2.02 3.23 0.46
N CYS A 36 -2.46 2.03 0.84
CA CYS A 36 -2.36 0.79 0.04
C CYS A 36 -3.40 0.73 -1.11
N ASP A 37 -3.48 1.78 -1.95
CA ASP A 37 -4.54 1.99 -2.96
C ASP A 37 -4.05 1.80 -4.40
N ARG A 38 -3.07 0.92 -4.66
CA ARG A 38 -2.45 0.74 -5.98
C ARG A 38 -1.86 -0.67 -6.17
N THR A 39 -1.85 -1.16 -7.41
CA THR A 39 -1.18 -2.41 -7.81
C THR A 39 0.14 -2.16 -8.53
N ARG A 40 1.12 -3.06 -8.35
CA ARG A 40 2.47 -3.01 -8.93
C ARG A 40 2.47 -2.98 -10.47
N LEU A 41 3.37 -2.19 -11.06
CA LEU A 41 3.50 -2.00 -12.52
C LEU A 41 3.83 -3.30 -13.28
N PHE A 42 4.53 -4.22 -12.63
CA PHE A 42 4.82 -5.59 -13.11
C PHE A 42 4.44 -6.59 -12.01
N CYS A 43 3.57 -7.55 -12.32
CA CYS A 43 2.96 -8.46 -11.34
C CYS A 43 2.95 -9.92 -11.82
N THR A 44 3.08 -10.86 -10.89
CA THR A 44 2.88 -12.30 -11.09
C THR A 44 2.19 -12.90 -9.86
N GLU A 45 1.03 -13.53 -10.04
CA GLU A 45 0.28 -14.23 -8.97
C GLU A 45 -0.44 -15.47 -9.51
N ASP A 46 -1.38 -15.31 -10.45
CA ASP A 46 -2.25 -16.39 -10.97
C ASP A 46 -1.81 -16.99 -12.32
N GLY A 1 -2.44 -7.84 12.29
CA GLY A 1 -1.66 -8.85 11.57
C GLY A 1 -0.34 -8.27 11.06
N GLY A 2 0.35 -9.02 10.19
CA GLY A 2 1.66 -8.68 9.63
C GLY A 2 1.65 -7.77 8.39
N CYS A 3 0.49 -7.25 8.00
CA CYS A 3 0.31 -6.38 6.83
C CYS A 3 -0.76 -5.28 7.06
N ILE A 4 -0.75 -4.25 6.22
CA ILE A 4 -1.82 -3.24 6.14
C ILE A 4 -3.01 -3.79 5.34
N LYS A 5 -4.24 -3.56 5.83
CA LYS A 5 -5.52 -3.89 5.15
C LYS A 5 -5.74 -3.12 3.83
N TRP A 6 -6.57 -3.66 2.93
CA TRP A 6 -6.93 -3.01 1.66
C TRP A 6 -7.93 -1.86 1.86
N ASN A 7 -7.91 -0.86 0.98
CA ASN A 7 -8.74 0.35 1.05
C ASN A 7 -8.60 1.11 2.38
N HIS A 8 -7.40 1.09 2.97
CA HIS A 8 -7.08 1.55 4.33
C HIS A 8 -5.70 2.21 4.39
N SER A 9 -5.49 3.16 5.31
CA SER A 9 -4.22 3.91 5.43
C SER A 9 -3.06 3.09 6.00
N CYS A 10 -1.86 3.25 5.44
CA CYS A 10 -0.61 2.67 5.97
C CYS A 10 0.15 3.57 6.96
N GLN A 11 -0.35 4.78 7.26
CA GLN A 11 0.37 5.82 8.02
C GLN A 11 0.81 5.40 9.44
N THR A 12 0.15 4.42 10.06
CA THR A 12 0.41 4.00 11.45
C THR A 12 1.68 3.15 11.65
N THR A 13 2.22 2.50 10.62
CA THR A 13 3.37 1.58 10.77
C THR A 13 4.19 1.42 9.49
N THR A 14 5.49 1.13 9.65
CA THR A 14 6.47 1.05 8.56
C THR A 14 6.29 -0.19 7.65
N LEU A 15 5.59 -1.25 8.09
CA LEU A 15 5.41 -2.49 7.33
C LEU A 15 4.50 -2.38 6.08
N LYS A 16 4.51 -3.44 5.25
CA LYS A 16 3.93 -3.50 3.89
C LYS A 16 2.42 -3.79 3.83
N CYS A 17 1.81 -3.54 2.66
CA CYS A 17 0.44 -3.97 2.36
C CYS A 17 0.40 -5.49 2.09
N CYS A 18 -0.74 -6.16 2.32
CA CYS A 18 -0.93 -7.54 1.83
C CYS A 18 -1.07 -7.54 0.29
N GLY A 19 -0.76 -8.67 -0.36
CA GLY A 19 -0.66 -8.79 -1.82
C GLY A 19 0.74 -8.42 -2.32
N LYS A 20 1.43 -9.35 -2.98
CA LYS A 20 2.85 -9.20 -3.38
C LYS A 20 3.08 -8.08 -4.40
N CYS A 21 2.07 -7.68 -5.19
CA CYS A 21 2.14 -6.56 -6.12
C CYS A 21 1.59 -5.22 -5.57
N VAL A 22 1.14 -5.16 -4.31
CA VAL A 22 0.40 -4.01 -3.76
C VAL A 22 1.31 -2.98 -3.09
N VAL A 23 1.04 -1.70 -3.33
CA VAL A 23 1.77 -0.55 -2.78
C VAL A 23 0.80 0.43 -2.10
N CYS A 24 1.26 1.06 -1.02
CA CYS A 24 0.52 2.16 -0.41
C CYS A 24 0.60 3.42 -1.29
N TYR A 25 -0.53 4.08 -1.54
CA TYR A 25 -0.66 5.17 -2.52
C TYR A 25 -1.30 6.42 -1.92
N CYS A 26 -0.60 7.56 -2.01
CA CYS A 26 -1.16 8.87 -1.65
C CYS A 26 -1.93 9.48 -2.81
N HIS A 27 -3.22 9.73 -2.61
CA HIS A 27 -4.12 10.36 -3.60
C HIS A 27 -4.29 11.86 -3.34
N THR A 28 -4.11 12.32 -2.10
CA THR A 28 -4.17 13.75 -1.73
C THR A 28 -2.89 14.50 -2.15
N PRO A 29 -2.97 15.75 -2.65
CA PRO A 29 -1.79 16.55 -3.03
C PRO A 29 -0.88 16.95 -1.85
N TRP A 30 -1.42 16.90 -0.63
CA TRP A 30 -0.74 17.14 0.65
C TRP A 30 -1.02 15.99 1.62
N GLY A 31 -0.24 15.88 2.71
CA GLY A 31 -0.40 14.89 3.77
C GLY A 31 0.09 13.48 3.39
N THR A 32 0.73 12.78 4.34
CA THR A 32 1.28 11.42 4.16
C THR A 32 0.26 10.30 4.39
N ASN A 33 -1.04 10.64 4.41
CA ASN A 33 -2.19 9.74 4.59
C ASN A 33 -2.43 8.83 3.37
N CYS A 34 -1.42 8.04 3.01
CA CYS A 34 -1.43 7.13 1.87
C CYS A 34 -2.22 5.85 2.19
N ARG A 35 -2.90 5.28 1.19
CA ARG A 35 -3.86 4.17 1.30
C ARG A 35 -3.39 2.94 0.52
N CYS A 36 -3.44 1.74 1.09
CA CYS A 36 -3.20 0.48 0.36
C CYS A 36 -4.38 0.21 -0.58
N ASP A 37 -4.30 0.76 -1.80
CA ASP A 37 -5.40 0.82 -2.78
C ASP A 37 -4.90 0.79 -4.25
N ARG A 38 -3.63 0.40 -4.47
CA ARG A 38 -2.99 0.41 -5.79
C ARG A 38 -2.03 -0.78 -5.97
N THR A 39 -2.04 -1.33 -7.17
CA THR A 39 -1.20 -2.46 -7.61
C THR A 39 -0.15 -1.98 -8.61
N ARG A 40 1.13 -2.29 -8.36
CA ARG A 40 2.24 -1.92 -9.26
C ARG A 40 2.26 -2.83 -10.49
N LEU A 41 2.55 -2.22 -11.66
CA LEU A 41 2.68 -2.93 -12.94
C LEU A 41 3.96 -3.80 -13.01
N PHE A 42 4.10 -4.57 -14.09
CA PHE A 42 5.11 -5.62 -14.28
C PHE A 42 5.06 -6.69 -13.17
N CYS A 43 3.87 -6.97 -12.63
CA CYS A 43 3.65 -7.87 -11.49
C CYS A 43 2.28 -8.57 -11.58
N THR A 44 2.30 -9.88 -11.82
CA THR A 44 1.15 -10.74 -12.15
C THR A 44 0.58 -11.52 -10.96
N GLU A 45 1.20 -11.44 -9.78
CA GLU A 45 0.69 -12.05 -8.54
C GLU A 45 -0.67 -11.45 -8.12
N ASP A 46 -1.59 -12.29 -7.63
CA ASP A 46 -2.90 -11.91 -7.08
C ASP A 46 -3.19 -12.62 -5.74
N GLY A 1 -5.79 -10.41 11.89
CA GLY A 1 -4.64 -9.47 11.82
C GLY A 1 -3.64 -9.91 10.77
N GLY A 2 -2.34 -9.84 11.06
CA GLY A 2 -1.27 -10.19 10.11
C GLY A 2 -0.84 -9.02 9.23
N CYS A 3 -0.96 -9.16 7.91
CA CYS A 3 -0.68 -8.10 6.92
C CYS A 3 -1.66 -6.90 7.00
N ILE A 4 -1.28 -5.76 6.42
CA ILE A 4 -2.13 -4.55 6.32
C ILE A 4 -3.18 -4.71 5.20
N LYS A 5 -4.45 -4.40 5.50
CA LYS A 5 -5.60 -4.60 4.59
C LYS A 5 -5.74 -3.49 3.55
N TRP A 6 -6.50 -3.76 2.49
CA TRP A 6 -6.79 -2.80 1.40
C TRP A 6 -7.42 -1.50 1.93
N ASN A 7 -7.02 -0.37 1.34
CA ASN A 7 -7.41 1.00 1.71
C ASN A 7 -7.11 1.45 3.16
N HIS A 8 -6.33 0.67 3.92
CA HIS A 8 -5.80 1.10 5.22
C HIS A 8 -4.56 2.02 5.06
N SER A 9 -4.20 2.76 6.11
CA SER A 9 -3.02 3.64 6.13
C SER A 9 -1.71 2.86 6.08
N CYS A 10 -0.81 3.25 5.18
CA CYS A 10 0.57 2.77 5.06
C CYS A 10 1.61 3.89 5.25
N GLN A 11 1.20 4.98 5.89
CA GLN A 11 2.05 6.14 6.19
C GLN A 11 3.14 5.78 7.22
N THR A 12 4.40 6.06 6.86
CA THR A 12 5.59 5.94 7.72
C THR A 12 5.62 4.65 8.56
N THR A 13 5.53 3.48 7.91
CA THR A 13 5.46 2.18 8.60
C THR A 13 6.37 1.10 7.99
N THR A 14 6.89 0.23 8.86
CA THR A 14 7.71 -0.93 8.54
C THR A 14 6.87 -2.17 8.16
N LEU A 15 5.54 -2.09 8.30
CA LEU A 15 4.58 -3.16 7.96
C LEU A 15 4.19 -3.14 6.47
N LYS A 16 3.76 -4.30 5.96
CA LYS A 16 3.42 -4.53 4.53
C LYS A 16 1.96 -4.92 4.31
N CYS A 17 1.46 -4.59 3.13
CA CYS A 17 0.08 -4.83 2.71
C CYS A 17 -0.14 -6.23 2.09
N CYS A 18 -1.37 -6.74 2.18
CA CYS A 18 -1.73 -8.10 1.75
C CYS A 18 -1.75 -8.25 0.21
N GLY A 19 -1.15 -9.32 -0.31
CA GLY A 19 -1.01 -9.65 -1.74
C GLY A 19 0.26 -9.07 -2.38
N LYS A 20 0.95 -9.88 -3.20
CA LYS A 20 2.20 -9.51 -3.91
C LYS A 20 2.06 -8.24 -4.77
N CYS A 21 0.92 -8.06 -5.45
CA CYS A 21 0.70 -6.97 -6.41
C CYS A 21 0.28 -5.62 -5.78
N VAL A 22 -0.10 -5.57 -4.49
CA VAL A 22 -0.58 -4.33 -3.83
C VAL A 22 0.60 -3.46 -3.38
N VAL A 23 0.49 -2.13 -3.52
CA VAL A 23 1.53 -1.16 -3.15
C VAL A 23 0.98 0.04 -2.39
N CYS A 24 1.82 0.65 -1.55
CA CYS A 24 1.51 1.90 -0.85
C CYS A 24 1.59 3.09 -1.82
N TYR A 25 0.59 3.98 -1.81
CA TYR A 25 0.47 5.12 -2.73
C TYR A 25 0.15 6.43 -1.98
N CYS A 26 0.75 7.54 -2.42
CA CYS A 26 0.52 8.89 -1.89
C CYS A 26 -0.14 9.78 -2.95
N HIS A 27 -1.22 10.48 -2.59
CA HIS A 27 -1.83 11.55 -3.42
C HIS A 27 -1.06 12.88 -3.33
N THR A 28 0.02 12.92 -2.55
CA THR A 28 0.75 14.12 -2.13
C THR A 28 2.24 14.11 -2.52
N PRO A 29 2.84 15.29 -2.78
CA PRO A 29 4.18 15.43 -3.38
C PRO A 29 5.34 15.04 -2.44
N TRP A 30 5.13 15.03 -1.12
CA TRP A 30 6.18 14.77 -0.11
C TRP A 30 5.82 13.63 0.86
N GLY A 31 4.81 12.82 0.54
CA GLY A 31 4.45 11.61 1.29
C GLY A 31 3.68 11.90 2.59
N THR A 32 2.41 12.27 2.48
CA THR A 32 1.50 12.55 3.62
C THR A 32 0.31 11.58 3.61
N ASN A 33 0.02 10.93 4.75
CA ASN A 33 -1.16 10.06 4.95
C ASN A 33 -1.42 9.03 3.83
N CYS A 34 -0.37 8.36 3.35
CA CYS A 34 -0.40 7.44 2.22
C CYS A 34 -1.22 6.15 2.48
N ARG A 35 -1.76 5.54 1.43
CA ARG A 35 -2.75 4.44 1.48
C ARG A 35 -2.40 3.25 0.57
N CYS A 36 -2.69 2.02 0.99
CA CYS A 36 -2.62 0.85 0.11
C CYS A 36 -3.88 0.77 -0.76
N ASP A 37 -3.90 1.56 -1.83
CA ASP A 37 -5.04 1.78 -2.74
C ASP A 37 -4.61 1.76 -4.24
N ARG A 38 -3.55 1.00 -4.56
CA ARG A 38 -2.97 0.89 -5.90
C ARG A 38 -2.22 -0.44 -6.10
N THR A 39 -1.93 -0.82 -7.35
CA THR A 39 -1.23 -2.08 -7.68
C THR A 39 -0.08 -1.90 -8.66
N ARG A 40 0.97 -2.71 -8.49
CA ARG A 40 2.18 -2.78 -9.32
C ARG A 40 1.88 -3.43 -10.68
N LEU A 41 2.35 -2.85 -11.77
CA LEU A 41 1.99 -3.27 -13.14
C LEU A 41 2.55 -4.66 -13.46
N PHE A 42 3.88 -4.84 -13.38
CA PHE A 42 4.58 -6.07 -13.74
C PHE A 42 4.75 -7.06 -12.56
N CYS A 43 3.72 -7.21 -11.71
CA CYS A 43 3.77 -8.05 -10.50
C CYS A 43 3.82 -9.58 -10.74
N THR A 44 3.95 -10.03 -11.99
CA THR A 44 4.23 -11.43 -12.37
C THR A 44 5.51 -11.57 -13.21
N GLU A 45 6.24 -10.49 -13.48
CA GLU A 45 7.55 -10.56 -14.16
C GLU A 45 8.59 -11.22 -13.25
N ASP A 46 9.33 -12.19 -13.80
CA ASP A 46 10.36 -12.99 -13.10
C ASP A 46 11.65 -12.21 -12.76
N GLY A 1 1.55 -8.49 14.50
CA GLY A 1 2.09 -7.83 13.31
C GLY A 1 1.06 -7.87 12.20
N GLY A 2 1.44 -8.38 11.04
CA GLY A 2 0.57 -8.59 9.88
C GLY A 2 0.50 -7.38 8.94
N CYS A 3 0.51 -7.65 7.63
CA CYS A 3 0.41 -6.66 6.56
C CYS A 3 -0.92 -5.86 6.58
N ILE A 4 -0.91 -4.67 5.97
CA ILE A 4 -2.08 -3.76 5.87
C ILE A 4 -3.05 -4.20 4.76
N LYS A 5 -4.37 -4.13 5.01
CA LYS A 5 -5.42 -4.62 4.09
C LYS A 5 -5.85 -3.60 3.03
N TRP A 6 -6.45 -4.06 1.93
CA TRP A 6 -6.94 -3.24 0.83
C TRP A 6 -7.85 -2.07 1.28
N ASN A 7 -7.53 -0.86 0.84
CA ASN A 7 -8.07 0.45 1.25
C ASN A 7 -7.89 0.86 2.72
N HIS A 8 -7.14 0.13 3.55
CA HIS A 8 -6.83 0.57 4.93
C HIS A 8 -5.68 1.60 4.96
N SER A 9 -5.63 2.39 6.04
CA SER A 9 -4.57 3.37 6.27
C SER A 9 -3.20 2.70 6.49
N CYS A 10 -2.18 3.21 5.82
CA CYS A 10 -0.82 2.67 5.75
C CYS A 10 0.20 3.82 5.91
N GLN A 11 0.07 4.57 7.01
CA GLN A 11 0.76 5.85 7.23
C GLN A 11 1.62 5.82 8.51
N THR A 12 2.84 6.37 8.43
CA THR A 12 3.77 6.52 9.58
C THR A 12 4.04 5.16 10.26
N THR A 13 4.43 4.18 9.44
CA THR A 13 4.67 2.78 9.87
C THR A 13 5.82 2.14 9.09
N THR A 14 6.47 1.15 9.69
CA THR A 14 7.44 0.23 9.05
C THR A 14 6.79 -0.82 8.13
N LEU A 15 5.46 -1.01 8.18
CA LEU A 15 4.69 -2.04 7.46
C LEU A 15 4.44 -1.71 5.98
N LYS A 16 4.02 -2.75 5.24
CA LYS A 16 3.58 -2.71 3.83
C LYS A 16 2.19 -3.31 3.62
N CYS A 17 1.63 -3.10 2.42
CA CYS A 17 0.34 -3.69 2.06
C CYS A 17 0.43 -5.21 1.84
N CYS A 18 -0.66 -5.94 2.09
CA CYS A 18 -0.75 -7.37 1.85
C CYS A 18 -0.66 -7.73 0.35
N GLY A 19 -0.09 -8.90 0.05
CA GLY A 19 0.17 -9.35 -1.31
C GLY A 19 1.59 -9.05 -1.78
N LYS A 20 1.88 -9.43 -3.03
CA LYS A 20 3.19 -9.30 -3.67
C LYS A 20 3.24 -8.23 -4.76
N CYS A 21 2.09 -7.88 -5.36
CA CYS A 21 1.97 -6.79 -6.34
C CYS A 21 1.04 -5.64 -5.89
N VAL A 22 0.31 -5.75 -4.78
CA VAL A 22 -0.46 -4.63 -4.18
C VAL A 22 0.43 -3.84 -3.21
N VAL A 23 0.32 -2.50 -3.20
CA VAL A 23 1.25 -1.59 -2.49
C VAL A 23 0.54 -0.40 -1.82
N CYS A 24 1.14 0.13 -0.75
CA CYS A 24 0.72 1.38 -0.12
C CYS A 24 1.13 2.60 -0.97
N TYR A 25 0.32 3.66 -0.94
CA TYR A 25 0.47 4.86 -1.78
C TYR A 25 -0.12 6.12 -1.14
N CYS A 26 0.64 7.22 -1.12
CA CYS A 26 0.17 8.56 -0.76
C CYS A 26 -0.27 9.33 -2.02
N HIS A 27 -1.54 9.71 -2.12
CA HIS A 27 -2.14 10.39 -3.28
C HIS A 27 -1.89 11.92 -3.32
N THR A 28 -0.94 12.42 -2.53
CA THR A 28 -0.46 13.82 -2.50
C THR A 28 1.05 13.85 -2.11
N PRO A 29 1.83 14.89 -2.45
CA PRO A 29 3.29 14.92 -2.26
C PRO A 29 3.76 15.10 -0.79
N TRP A 30 2.85 15.27 0.18
CA TRP A 30 3.19 15.56 1.58
C TRP A 30 3.79 14.38 2.36
N GLY A 31 3.42 13.14 2.01
CA GLY A 31 3.82 11.92 2.74
C GLY A 31 3.02 11.69 4.03
N THR A 32 1.75 12.11 4.07
CA THR A 32 0.92 12.16 5.31
C THR A 32 -0.43 11.42 5.23
N ASN A 33 -0.80 10.85 4.08
CA ASN A 33 -2.12 10.25 3.80
C ASN A 33 -2.08 8.84 3.19
N CYS A 34 -0.97 8.09 3.33
CA CYS A 34 -0.75 6.83 2.62
C CYS A 34 -1.80 5.75 2.96
N ARG A 35 -2.24 5.01 1.93
CA ARG A 35 -3.34 4.03 1.97
C ARG A 35 -3.09 2.87 0.99
N CYS A 36 -3.65 1.70 1.25
CA CYS A 36 -3.59 0.53 0.36
C CYS A 36 -4.51 0.68 -0.87
N ASP A 37 -4.17 1.58 -1.80
CA ASP A 37 -5.00 1.95 -2.96
C ASP A 37 -4.35 1.74 -4.34
N ARG A 38 -3.29 0.94 -4.45
CA ARG A 38 -2.50 0.84 -5.70
C ARG A 38 -1.96 -0.55 -5.99
N THR A 39 -1.94 -0.91 -7.27
CA THR A 39 -1.26 -2.10 -7.79
C THR A 39 0.05 -1.67 -8.45
N ARG A 40 1.13 -2.43 -8.24
CA ARG A 40 2.47 -2.18 -8.80
C ARG A 40 2.44 -2.20 -10.33
N LEU A 41 3.16 -1.29 -10.98
CA LEU A 41 3.15 -1.15 -12.45
C LEU A 41 3.91 -2.31 -13.14
N PHE A 42 5.15 -2.56 -12.73
CA PHE A 42 5.96 -3.71 -13.13
C PHE A 42 6.26 -4.59 -11.91
N CYS A 43 5.83 -5.85 -11.89
CA CYS A 43 5.90 -6.72 -10.70
C CYS A 43 6.57 -8.06 -11.03
N THR A 44 7.68 -8.39 -10.35
CA THR A 44 8.46 -9.61 -10.59
C THR A 44 7.71 -10.86 -10.13
N GLU A 45 7.58 -11.88 -10.98
CA GLU A 45 6.85 -13.12 -10.66
C GLU A 45 7.72 -14.19 -9.99
N ASP A 46 8.83 -14.57 -10.64
CA ASP A 46 9.79 -15.60 -10.20
C ASP A 46 11.17 -15.48 -10.88
#